data_1L7N
#
_entry.id   1L7N
#
_cell.length_a   69.195
_cell.length_b   70.576
_cell.length_c   90.831
_cell.angle_alpha   90.00
_cell.angle_beta   90.00
_cell.angle_gamma   90.00
#
_symmetry.space_group_name_H-M   'P 21 21 2'
#
loop_
_entity.id
_entity.type
_entity.pdbx_description
1 polymer 'PHOSPHOSERINE PHOSPHATASE'
2 non-polymer 'TETRAFLUOROALUMINATE ION'
3 non-polymer 'MAGNESIUM ION'
4 non-polymer 'SULFATE ION'
5 non-polymer 'ALUMINUM FLUORIDE'
6 water water
#
_entity_poly.entity_id   1
_entity_poly.type   'polypeptide(L)'
_entity_poly.pdbx_seq_one_letter_code
;(MSE)EKKKKLILFDFDSTLVNNETIDEIAREAGVEEEVKKITKEA(MSE)EGKLNFEQSLRKRVSLLKDLPIEKVEKAI
KRITPTEGAEETIKELKNRGYVVAVVSGGFDIAVNKIKEKLGLDYAFANRLIVKDGKLTGDVEGEVLKENAKGEILEKIA
KIEGINLEDTVAVGDGANDIS(MSE)FKKAGLKIAFCAKPILKEKADICIEKRDLREILKYIK
;
_entity_poly.pdbx_strand_id   A,B
#
loop_
_chem_comp.id
_chem_comp.type
_chem_comp.name
_chem_comp.formula
AF3 non-polymer 'ALUMINUM FLUORIDE' 'Al F3'
ALF non-polymer 'TETRAFLUOROALUMINATE ION' 'Al F4 -1'
MG non-polymer 'MAGNESIUM ION' 'Mg 2'
SO4 non-polymer 'SULFATE ION' 'O4 S -2'
#
# COMPACT_ATOMS: atom_id res chain seq x y z
N LYS A 3 -13.27 17.17 43.86
CA LYS A 3 -13.48 17.10 42.38
C LYS A 3 -12.23 16.67 41.61
N LYS A 4 -11.97 15.36 41.59
CA LYS A 4 -10.82 14.82 40.86
C LYS A 4 -11.23 14.79 39.37
N LYS A 5 -10.49 15.49 38.52
CA LYS A 5 -10.81 15.57 37.07
C LYS A 5 -10.76 14.20 36.37
N LYS A 6 -11.60 14.04 35.36
CA LYS A 6 -11.71 12.79 34.61
C LYS A 6 -11.68 13.09 33.14
N LEU A 7 -11.32 12.09 32.34
CA LEU A 7 -11.21 12.27 30.90
C LEU A 7 -11.78 11.06 30.16
N ILE A 8 -12.56 11.33 29.11
CA ILE A 8 -13.07 10.27 28.28
C ILE A 8 -12.72 10.60 26.83
N LEU A 9 -12.23 9.59 26.12
CA LEU A 9 -11.83 9.72 24.72
C LEU A 9 -12.71 8.81 23.90
N PHE A 10 -13.24 9.35 22.81
CA PHE A 10 -14.09 8.62 21.88
C PHE A 10 -13.38 8.48 20.55
N ASP A 11 -13.50 7.31 19.94
CA ASP A 11 -13.01 7.12 18.60
C ASP A 11 -14.14 7.82 17.78
N PHE A 12 -13.87 8.17 16.52
CA PHE A 12 -14.85 8.90 15.72
C PHE A 12 -15.69 7.99 14.83
N ASP A 13 -15.10 7.49 13.75
CA ASP A 13 -15.85 6.63 12.80
C ASP A 13 -16.48 5.40 13.47
N SER A 14 -17.78 5.21 13.24
CA SER A 14 -18.58 4.12 13.81
C SER A 14 -18.77 4.15 15.34
N THR A 15 -18.24 5.17 16.01
CA THR A 15 -18.43 5.29 17.46
C THR A 15 -19.16 6.59 17.76
N LEU A 16 -18.46 7.72 17.69
CA LEU A 16 -19.14 8.99 17.94
C LEU A 16 -20.13 9.30 16.80
N VAL A 17 -19.81 8.85 15.60
CA VAL A 17 -20.72 9.04 14.46
C VAL A 17 -21.06 7.67 13.84
N ASN A 18 -22.16 7.63 13.11
CA ASN A 18 -22.62 6.37 12.48
C ASN A 18 -21.70 5.86 11.38
N ASN A 19 -21.21 6.80 10.58
CA ASN A 19 -20.43 6.52 9.40
C ASN A 19 -18.94 6.23 9.53
N GLU A 20 -18.42 5.74 8.41
CA GLU A 20 -16.98 5.56 8.27
C GLU A 20 -16.68 6.69 7.27
N THR A 21 -16.00 7.73 7.75
CA THR A 21 -15.67 8.90 6.92
C THR A 21 -15.08 8.55 5.57
N ILE A 22 -14.04 7.74 5.59
CA ILE A 22 -13.36 7.41 4.35
C ILE A 22 -14.19 6.63 3.35
N ASP A 23 -15.12 5.82 3.85
CA ASP A 23 -15.97 5.03 2.96
C ASP A 23 -16.99 5.98 2.27
N GLU A 24 -17.42 7.03 2.99
CA GLU A 24 -18.36 8.00 2.41
C GLU A 24 -17.67 8.79 1.29
N ILE A 25 -16.44 9.22 1.56
CA ILE A 25 -15.70 9.94 0.54
C ILE A 25 -15.42 9.01 -0.64
N ALA A 26 -15.10 7.76 -0.37
CA ALA A 26 -14.86 6.79 -1.43
C ALA A 26 -16.08 6.70 -2.36
N ARG A 27 -17.28 6.80 -1.82
CA ARG A 27 -18.47 6.72 -2.68
C ARG A 27 -18.44 7.84 -3.73
N GLU A 28 -18.08 9.06 -3.32
CA GLU A 28 -18.01 10.21 -4.23
C GLU A 28 -16.94 10.02 -5.31
N ALA A 29 -15.94 9.20 -4.99
CA ALA A 29 -14.85 8.93 -5.92
C ALA A 29 -15.14 7.69 -6.74
N GLY A 30 -16.30 7.08 -6.51
CA GLY A 30 -16.69 5.89 -7.26
C GLY A 30 -15.98 4.60 -6.87
N VAL A 31 -15.37 4.59 -5.69
CA VAL A 31 -14.67 3.39 -5.22
C VAL A 31 -15.13 2.92 -3.82
N GLU A 32 -16.42 3.10 -3.53
CA GLU A 32 -17.01 2.72 -2.22
C GLU A 32 -16.74 1.27 -1.86
N GLU A 33 -17.06 0.35 -2.76
CA GLU A 33 -16.88 -1.06 -2.42
C GLU A 33 -15.44 -1.46 -2.09
N GLU A 34 -14.51 -1.02 -2.93
CA GLU A 34 -13.10 -1.30 -2.76
C GLU A 34 -12.52 -0.75 -1.45
N VAL A 35 -12.90 0.49 -1.14
CA VAL A 35 -12.41 1.12 0.08
C VAL A 35 -13.07 0.52 1.30
N LYS A 36 -14.37 0.23 1.22
CA LYS A 36 -15.09 -0.38 2.35
C LYS A 36 -14.45 -1.72 2.75
N LYS A 37 -13.99 -2.47 1.74
CA LYS A 37 -13.39 -3.75 2.03
C LYS A 37 -12.11 -3.57 2.86
N ILE A 38 -11.28 -2.62 2.46
CA ILE A 38 -10.02 -2.35 3.16
C ILE A 38 -10.29 -1.80 4.56
N THR A 39 -11.27 -0.90 4.69
CA THR A 39 -11.64 -0.32 5.99
C THR A 39 -12.02 -1.43 6.98
N LYS A 40 -12.83 -2.37 6.52
CA LYS A 40 -13.27 -3.47 7.36
C LYS A 40 -12.07 -4.33 7.78
N GLU A 41 -11.21 -4.68 6.83
CA GLU A 41 -10.04 -5.48 7.19
C GLU A 41 -9.16 -4.74 8.21
N ALA A 42 -9.00 -3.43 8.03
CA ALA A 42 -8.17 -2.64 8.95
C ALA A 42 -8.82 -2.60 10.34
N MSE A 43 -10.13 -2.45 10.40
CA MSE A 43 -10.79 -2.39 11.70
C MSE A 43 -10.80 -3.76 12.40
O MSE A 43 -10.90 -3.83 13.60
CB MSE A 43 -12.20 -1.84 11.58
CG MSE A 43 -12.22 -0.35 11.20
SE MSE A 43 -11.11 0.82 12.43
CE MSE A 43 -9.37 0.84 11.55
N GLU A 44 -10.68 -4.83 11.61
CA GLU A 44 -10.63 -6.20 12.18
C GLU A 44 -9.22 -6.55 12.63
N GLY A 45 -8.26 -5.69 12.35
CA GLY A 45 -6.89 -5.96 12.74
C GLY A 45 -6.11 -6.84 11.77
N LYS A 46 -6.61 -6.95 10.54
CA LYS A 46 -5.96 -7.78 9.53
C LYS A 46 -4.91 -7.01 8.71
N LEU A 47 -4.90 -5.69 8.84
CA LEU A 47 -3.95 -4.87 8.09
C LEU A 47 -3.32 -3.87 9.03
N ASN A 48 -2.13 -3.42 8.66
CA ASN A 48 -1.41 -2.38 9.38
C ASN A 48 -2.28 -1.12 9.15
N PHE A 49 -2.55 -0.35 10.19
CA PHE A 49 -3.40 0.80 10.00
C PHE A 49 -2.86 1.85 9.04
N GLU A 50 -1.64 2.33 9.26
CA GLU A 50 -1.08 3.35 8.38
C GLU A 50 -1.07 2.93 6.94
N GLN A 51 -0.57 1.73 6.65
CA GLN A 51 -0.55 1.27 5.26
C GLN A 51 -1.96 1.21 4.69
N SER A 52 -2.92 0.70 5.47
CA SER A 52 -4.29 0.59 5.00
C SER A 52 -4.91 1.95 4.71
N LEU A 53 -4.58 2.95 5.53
CA LEU A 53 -5.14 4.28 5.33
C LEU A 53 -4.51 4.91 4.08
N ARG A 54 -3.19 4.83 3.95
CA ARG A 54 -2.54 5.39 2.76
C ARG A 54 -3.08 4.72 1.50
N LYS A 55 -3.30 3.42 1.57
CA LYS A 55 -3.83 2.70 0.39
C LYS A 55 -5.21 3.21 0.02
N ARG A 56 -6.05 3.42 1.03
CA ARG A 56 -7.41 3.90 0.77
C ARG A 56 -7.38 5.32 0.23
N VAL A 57 -6.55 6.16 0.83
CA VAL A 57 -6.49 7.55 0.41
C VAL A 57 -5.92 7.70 -1.01
N SER A 58 -5.03 6.81 -1.44
CA SER A 58 -4.52 6.91 -2.82
C SER A 58 -5.63 6.75 -3.85
N LEU A 59 -6.62 5.94 -3.52
CA LEU A 59 -7.76 5.70 -4.40
C LEU A 59 -8.63 6.96 -4.56
N LEU A 60 -8.42 7.95 -3.68
CA LEU A 60 -9.21 9.18 -3.69
C LEU A 60 -8.48 10.29 -4.44
N LYS A 61 -7.36 9.96 -5.06
CA LYS A 61 -6.60 10.99 -5.74
C LYS A 61 -7.44 11.74 -6.79
N ASP A 62 -7.25 13.06 -6.82
CA ASP A 62 -7.93 14.00 -7.72
C ASP A 62 -9.41 14.29 -7.44
N LEU A 63 -9.95 13.73 -6.36
CA LEU A 63 -11.33 13.98 -6.00
C LEU A 63 -11.49 15.45 -5.62
N PRO A 64 -12.48 16.15 -6.21
CA PRO A 64 -12.67 17.57 -5.85
C PRO A 64 -13.11 17.75 -4.40
N ILE A 65 -12.64 18.84 -3.80
CA ILE A 65 -12.98 19.15 -2.43
C ILE A 65 -14.52 19.31 -2.31
N GLU A 66 -15.16 19.82 -3.36
CA GLU A 66 -16.63 19.98 -3.40
C GLU A 66 -17.28 18.61 -3.09
N LYS A 67 -16.71 17.55 -3.64
CA LYS A 67 -17.25 16.21 -3.44
C LYS A 67 -16.94 15.66 -2.06
N VAL A 68 -15.74 15.99 -1.55
CA VAL A 68 -15.35 15.54 -0.23
C VAL A 68 -16.34 16.16 0.76
N GLU A 69 -16.68 17.43 0.55
CA GLU A 69 -17.60 18.09 1.45
C GLU A 69 -19.02 17.49 1.40
N LYS A 70 -19.46 17.07 0.23
CA LYS A 70 -20.80 16.46 0.13
C LYS A 70 -20.83 15.19 0.96
N ALA A 71 -19.73 14.44 0.91
CA ALA A 71 -19.64 13.21 1.68
C ALA A 71 -19.66 13.51 3.17
N ILE A 72 -18.89 14.51 3.58
CA ILE A 72 -18.82 14.85 4.99
C ILE A 72 -20.17 15.35 5.54
N LYS A 73 -20.94 15.99 4.67
CA LYS A 73 -22.23 16.51 5.09
C LYS A 73 -23.21 15.40 5.50
N ARG A 74 -22.93 14.19 5.03
CA ARG A 74 -23.77 13.04 5.35
C ARG A 74 -23.45 12.38 6.70
N ILE A 75 -22.29 12.70 7.26
CA ILE A 75 -21.91 12.10 8.54
C ILE A 75 -22.83 12.64 9.64
N THR A 76 -23.40 11.72 10.42
CA THR A 76 -24.30 12.08 11.51
C THR A 76 -23.92 11.45 12.84
N PRO A 77 -24.12 12.18 13.94
CA PRO A 77 -23.76 11.62 15.24
C PRO A 77 -24.55 10.37 15.58
N THR A 78 -23.90 9.44 16.27
CA THR A 78 -24.51 8.20 16.72
C THR A 78 -25.68 8.50 17.68
N GLU A 79 -26.67 7.61 17.72
CA GLU A 79 -27.83 7.80 18.61
C GLU A 79 -27.33 7.99 20.04
N GLY A 80 -27.84 9.01 20.70
CA GLY A 80 -27.46 9.28 22.08
C GLY A 80 -26.16 10.04 22.29
N ALA A 81 -25.50 10.44 21.19
CA ALA A 81 -24.23 11.18 21.31
C ALA A 81 -24.35 12.49 22.11
N GLU A 82 -25.30 13.34 21.72
CA GLU A 82 -25.49 14.62 22.41
C GLU A 82 -25.83 14.44 23.87
N GLU A 83 -26.78 13.56 24.17
CA GLU A 83 -27.18 13.32 25.55
C GLU A 83 -26.04 12.74 26.40
N THR A 84 -25.24 11.88 25.79
CA THR A 84 -24.12 11.23 26.48
C THR A 84 -23.04 12.27 26.81
N ILE A 85 -22.69 13.10 25.85
CA ILE A 85 -21.67 14.16 26.03
C ILE A 85 -22.11 15.11 27.14
N LYS A 86 -23.38 15.51 27.11
CA LYS A 86 -23.94 16.43 28.11
C LYS A 86 -23.78 15.89 29.52
N GLU A 87 -24.19 14.64 29.71
CA GLU A 87 -24.12 14.01 31.01
C GLU A 87 -22.65 13.80 31.45
N LEU A 88 -21.78 13.57 30.47
CA LEU A 88 -20.37 13.35 30.81
C LEU A 88 -19.79 14.65 31.34
N LYS A 89 -20.13 15.76 30.69
CA LYS A 89 -19.64 17.05 31.16
C LYS A 89 -20.23 17.32 32.55
N ASN A 90 -21.51 16.97 32.75
CA ASN A 90 -22.13 17.18 34.07
C ASN A 90 -21.39 16.35 35.14
N ARG A 91 -20.95 15.16 34.78
CA ARG A 91 -20.22 14.33 35.72
C ARG A 91 -18.75 14.77 35.89
N GLY A 92 -18.36 15.90 35.30
CA GLY A 92 -16.99 16.40 35.45
C GLY A 92 -15.94 15.88 34.50
N TYR A 93 -16.35 15.42 33.31
CA TYR A 93 -15.39 14.90 32.36
C TYR A 93 -14.95 15.88 31.28
N VAL A 94 -13.67 15.76 30.90
CA VAL A 94 -13.09 16.48 29.76
C VAL A 94 -13.45 15.43 28.70
N VAL A 95 -13.94 15.87 27.54
CA VAL A 95 -14.35 14.93 26.49
C VAL A 95 -13.52 15.19 25.25
N ALA A 96 -12.96 14.11 24.71
CA ALA A 96 -12.08 14.23 23.55
C ALA A 96 -12.44 13.22 22.49
N VAL A 97 -12.09 13.54 21.25
CA VAL A 97 -12.30 12.60 20.17
C VAL A 97 -10.89 12.40 19.56
N VAL A 98 -10.51 11.15 19.36
CA VAL A 98 -9.18 10.85 18.79
C VAL A 98 -9.46 9.92 17.64
N SER A 99 -9.02 10.29 16.44
CA SER A 99 -9.35 9.52 15.25
C SER A 99 -8.29 9.35 14.18
N GLY A 100 -8.35 8.19 13.52
CA GLY A 100 -7.44 7.86 12.43
C GLY A 100 -8.03 8.39 11.12
N GLY A 101 -9.16 9.07 11.25
CA GLY A 101 -9.86 9.70 10.14
C GLY A 101 -9.30 11.10 9.88
N PHE A 102 -10.14 12.04 9.47
CA PHE A 102 -9.61 13.33 9.06
C PHE A 102 -10.19 14.60 9.70
N ASP A 103 -9.28 15.54 9.96
CA ASP A 103 -9.61 16.83 10.58
C ASP A 103 -10.80 17.52 9.93
N ILE A 104 -10.87 17.50 8.59
CA ILE A 104 -11.99 18.22 8.00
C ILE A 104 -13.33 17.64 8.37
N ALA A 105 -13.38 16.39 8.80
CA ALA A 105 -14.67 15.82 9.20
C ALA A 105 -14.77 15.86 10.73
N VAL A 106 -13.68 15.48 11.40
CA VAL A 106 -13.66 15.44 12.86
C VAL A 106 -13.85 16.82 13.50
N ASN A 107 -13.16 17.82 12.97
CA ASN A 107 -13.30 19.15 13.58
C ASN A 107 -14.72 19.71 13.48
N LYS A 108 -15.46 19.33 12.45
CA LYS A 108 -16.85 19.80 12.36
C LYS A 108 -17.66 19.30 13.57
N ILE A 109 -17.49 18.02 13.89
CA ILE A 109 -18.20 17.42 15.00
C ILE A 109 -17.66 17.95 16.32
N LYS A 110 -16.37 18.23 16.38
CA LYS A 110 -15.83 18.76 17.62
C LYS A 110 -16.54 20.08 17.92
N GLU A 111 -16.72 20.88 16.87
CA GLU A 111 -17.39 22.16 17.03
C GLU A 111 -18.87 21.95 17.36
N LYS A 112 -19.54 21.10 16.56
CA LYS A 112 -20.96 20.84 16.75
C LYS A 112 -21.33 20.35 18.17
N LEU A 113 -20.60 19.35 18.65
CA LEU A 113 -20.86 18.76 19.96
C LEU A 113 -20.18 19.43 21.12
N GLY A 114 -19.26 20.36 20.83
CA GLY A 114 -18.54 21.08 21.87
C GLY A 114 -17.51 20.27 22.64
N LEU A 115 -16.73 19.49 21.91
CA LEU A 115 -15.71 18.67 22.54
C LEU A 115 -14.50 19.50 22.93
N ASP A 116 -13.81 19.04 23.96
CA ASP A 116 -12.63 19.72 24.50
C ASP A 116 -11.33 19.55 23.72
N TYR A 117 -11.20 18.40 23.03
CA TYR A 117 -10.02 18.07 22.24
C TYR A 117 -10.42 17.24 21.04
N ALA A 118 -9.71 17.40 19.94
CA ALA A 118 -9.95 16.59 18.75
C ALA A 118 -8.61 16.39 18.08
N PHE A 119 -8.27 15.12 17.79
CA PHE A 119 -7.05 14.75 17.10
C PHE A 119 -7.42 13.85 15.94
N ALA A 120 -6.85 14.15 14.76
CA ALA A 120 -7.12 13.37 13.57
C ALA A 120 -5.99 13.57 12.55
N ASN A 121 -6.04 12.83 11.45
CA ASN A 121 -5.03 12.95 10.41
C ASN A 121 -5.50 14.02 9.41
N ARG A 122 -4.72 14.24 8.36
CA ARG A 122 -5.04 15.29 7.42
C ARG A 122 -4.96 14.84 5.98
N LEU A 123 -6.01 15.14 5.22
CA LEU A 123 -6.04 14.83 3.80
C LEU A 123 -5.30 15.97 3.10
N ILE A 124 -4.35 15.64 2.24
CA ILE A 124 -3.60 16.69 1.54
C ILE A 124 -4.38 17.12 0.32
N VAL A 125 -4.47 18.44 0.13
CA VAL A 125 -5.24 19.01 -0.98
C VAL A 125 -4.36 20.00 -1.77
N LYS A 126 -4.59 20.09 -3.08
CA LYS A 126 -3.85 21.05 -3.91
C LYS A 126 -4.78 21.40 -5.07
N ASP A 127 -4.89 22.69 -5.38
CA ASP A 127 -5.78 23.16 -6.47
C ASP A 127 -7.22 22.64 -6.34
N GLY A 128 -7.72 22.54 -5.11
CA GLY A 128 -9.09 22.11 -4.90
C GLY A 128 -9.39 20.62 -5.07
N LYS A 129 -8.35 19.80 -5.17
CA LYS A 129 -8.50 18.36 -5.33
C LYS A 129 -7.59 17.60 -4.37
N LEU A 130 -8.03 16.43 -3.93
CA LEU A 130 -7.16 15.62 -3.06
C LEU A 130 -5.96 15.18 -3.87
N THR A 131 -4.78 15.15 -3.24
CA THR A 131 -3.57 14.73 -3.93
C THR A 131 -3.40 13.22 -3.86
N GLY A 132 -4.16 12.57 -2.98
CA GLY A 132 -4.01 11.13 -2.86
C GLY A 132 -3.10 10.78 -1.68
N ASP A 133 -2.63 11.78 -0.95
CA ASP A 133 -1.77 11.55 0.22
C ASP A 133 -2.46 11.95 1.51
N VAL A 134 -1.97 11.39 2.61
CA VAL A 134 -2.48 11.70 3.93
C VAL A 134 -1.28 11.85 4.85
N GLU A 135 -1.38 12.72 5.85
CA GLU A 135 -0.30 12.92 6.80
C GLU A 135 -0.91 13.10 8.17
N GLY A 136 -0.16 12.83 9.24
CA GLY A 136 -0.77 13.02 10.54
C GLY A 136 -0.07 12.25 11.65
N GLU A 137 -0.55 12.48 12.87
CA GLU A 137 0.01 11.83 14.06
C GLU A 137 -0.92 10.82 14.71
N VAL A 138 -1.87 10.30 13.94
CA VAL A 138 -2.76 9.25 14.42
C VAL A 138 -2.72 8.12 13.39
N LEU A 139 -1.51 7.75 13.01
CA LEU A 139 -1.25 6.69 12.03
C LEU A 139 -0.56 5.47 12.62
N LYS A 140 0.47 5.71 13.43
CA LYS A 140 1.20 4.60 14.02
C LYS A 140 0.35 3.77 15.00
N GLU A 141 0.69 2.49 15.14
CA GLU A 141 -0.05 1.61 16.04
C GLU A 141 -0.25 2.16 17.44
N ASN A 142 0.75 2.83 17.98
CA ASN A 142 0.63 3.31 19.35
C ASN A 142 0.15 4.76 19.46
N ALA A 143 -0.22 5.32 18.32
CA ALA A 143 -0.62 6.73 18.28
C ALA A 143 -1.70 7.18 19.25
N LYS A 144 -2.82 6.48 19.29
CA LYS A 144 -3.92 6.90 20.14
C LYS A 144 -3.56 6.82 21.62
N GLY A 145 -2.80 5.81 21.98
CA GLY A 145 -2.38 5.69 23.37
C GLY A 145 -1.53 6.88 23.74
N GLU A 146 -0.64 7.28 22.85
CA GLU A 146 0.22 8.41 23.15
C GLU A 146 -0.59 9.68 23.33
N ILE A 147 -1.62 9.83 22.49
CA ILE A 147 -2.47 11.00 22.58
C ILE A 147 -3.28 10.99 23.88
N LEU A 148 -3.79 9.83 24.29
CA LEU A 148 -4.52 9.76 25.56
C LEU A 148 -3.58 10.26 26.67
N GLU A 149 -2.35 9.74 26.70
CA GLU A 149 -1.42 10.18 27.73
C GLU A 149 -1.14 11.68 27.65
N LYS A 150 -0.97 12.19 26.42
CA LYS A 150 -0.71 13.61 26.26
C LYS A 150 -1.82 14.47 26.84
N ILE A 151 -3.07 14.16 26.49
CA ILE A 151 -4.22 14.93 26.98
C ILE A 151 -4.32 14.82 28.49
N ALA A 152 -4.18 13.60 29.02
CA ALA A 152 -4.27 13.42 30.47
C ALA A 152 -3.19 14.23 31.19
N LYS A 153 -1.99 14.26 30.64
CA LYS A 153 -0.90 15.01 31.26
C LYS A 153 -1.22 16.52 31.32
N ILE A 154 -1.68 17.09 30.20
CA ILE A 154 -2.06 18.51 30.12
C ILE A 154 -3.09 18.85 31.20
N GLU A 155 -4.11 18.00 31.32
CA GLU A 155 -5.21 18.18 32.24
C GLU A 155 -4.88 17.76 33.68
N GLY A 156 -3.73 17.14 33.89
CA GLY A 156 -3.35 16.69 35.22
C GLY A 156 -4.26 15.58 35.75
N ILE A 157 -4.73 14.75 34.84
CA ILE A 157 -5.62 13.63 35.15
C ILE A 157 -4.87 12.30 35.18
N ASN A 158 -4.98 11.57 36.30
CA ASN A 158 -4.33 10.27 36.47
C ASN A 158 -4.91 9.33 35.40
N LEU A 159 -4.10 8.44 34.83
CA LEU A 159 -4.60 7.55 33.77
C LEU A 159 -5.72 6.63 34.30
N GLU A 160 -5.72 6.37 35.61
CA GLU A 160 -6.76 5.55 36.18
C GLU A 160 -8.11 6.24 36.10
N ASP A 161 -8.10 7.56 35.93
CA ASP A 161 -9.35 8.30 35.82
C ASP A 161 -9.69 8.62 34.37
N THR A 162 -9.30 7.73 33.45
CA THR A 162 -9.62 7.95 32.04
C THR A 162 -10.49 6.81 31.54
N VAL A 163 -11.27 7.09 30.50
CA VAL A 163 -12.17 6.11 29.91
C VAL A 163 -11.98 6.20 28.39
N ALA A 164 -11.93 5.04 27.70
CA ALA A 164 -11.77 5.04 26.24
C ALA A 164 -12.99 4.28 25.69
N VAL A 165 -13.56 4.80 24.60
CA VAL A 165 -14.72 4.16 23.97
C VAL A 165 -14.36 4.00 22.50
N GLY A 166 -14.34 2.76 22.02
CA GLY A 166 -13.97 2.56 20.62
C GLY A 166 -14.57 1.31 20.01
N ASP A 167 -14.30 1.09 18.71
CA ASP A 167 -14.88 -0.06 18.01
C ASP A 167 -13.95 -0.88 17.12
N GLY A 168 -12.77 -0.35 16.81
CA GLY A 168 -11.86 -1.06 15.93
C GLY A 168 -10.46 -1.38 16.43
N ALA A 169 -9.71 -2.07 15.59
CA ALA A 169 -8.34 -2.47 15.94
C ALA A 169 -7.41 -1.30 16.23
N ASN A 170 -7.62 -0.15 15.60
CA ASN A 170 -6.72 0.96 15.88
C ASN A 170 -7.05 1.63 17.21
N ASP A 171 -8.01 1.07 17.96
CA ASP A 171 -8.34 1.62 19.28
C ASP A 171 -7.65 0.83 20.38
N ILE A 172 -6.88 -0.17 19.96
CA ILE A 172 -6.18 -1.02 20.92
C ILE A 172 -5.15 -0.30 21.78
N SER A 173 -4.36 0.58 21.17
CA SER A 173 -3.36 1.33 21.95
C SER A 173 -4.04 2.34 22.89
N MSE A 174 -5.21 2.84 22.51
CA MSE A 174 -5.95 3.78 23.33
C MSE A 174 -6.44 3.01 24.57
O MSE A 174 -6.31 3.46 25.70
CB MSE A 174 -7.14 4.36 22.56
CG MSE A 174 -7.86 5.46 23.27
SE MSE A 174 -9.20 6.27 22.15
CE MSE A 174 -10.36 4.75 21.81
N PHE A 175 -6.98 1.81 24.35
CA PHE A 175 -7.43 0.96 25.46
C PHE A 175 -6.29 0.66 26.42
N LYS A 176 -5.13 0.35 25.88
CA LYS A 176 -3.98 -0.01 26.71
C LYS A 176 -3.64 0.99 27.80
N LYS A 177 -3.83 2.26 27.53
CA LYS A 177 -3.50 3.28 28.51
C LYS A 177 -4.68 3.72 29.37
N ALA A 178 -5.89 3.36 28.96
CA ALA A 178 -7.11 3.78 29.63
C ALA A 178 -7.47 3.11 30.96
N GLY A 179 -8.14 3.87 31.83
CA GLY A 179 -8.57 3.34 33.12
C GLY A 179 -9.70 2.34 32.94
N LEU A 180 -10.66 2.68 32.09
CA LEU A 180 -11.81 1.83 31.78
C LEU A 180 -11.91 1.75 30.26
N LYS A 181 -12.02 0.52 29.75
CA LYS A 181 -12.04 0.24 28.32
C LYS A 181 -13.41 -0.22 27.87
N ILE A 182 -14.08 0.59 27.06
CA ILE A 182 -15.42 0.24 26.59
C ILE A 182 -15.44 0.00 25.09
N ALA A 183 -15.77 -1.22 24.68
CA ALA A 183 -15.87 -1.55 23.25
C ALA A 183 -17.36 -1.36 22.91
N PHE A 184 -17.62 -0.44 21.97
CA PHE A 184 -18.97 -0.06 21.55
C PHE A 184 -19.32 -0.68 20.19
N CYS A 185 -20.19 -1.71 20.21
CA CYS A 185 -20.61 -2.43 18.99
C CYS A 185 -19.37 -2.67 18.17
N ALA A 186 -18.39 -3.24 18.84
CA ALA A 186 -17.06 -3.43 18.27
C ALA A 186 -16.67 -4.71 17.57
N LYS A 187 -15.52 -4.64 16.91
CA LYS A 187 -14.95 -5.79 16.24
C LYS A 187 -14.36 -6.71 17.31
N PRO A 188 -14.28 -8.02 16.99
CA PRO A 188 -13.74 -9.04 17.89
C PRO A 188 -12.37 -8.71 18.49
N ILE A 189 -11.43 -8.26 17.65
CA ILE A 189 -10.10 -8.00 18.16
C ILE A 189 -10.13 -6.97 19.28
N LEU A 190 -11.06 -6.01 19.23
CA LEU A 190 -11.13 -4.98 20.29
C LEU A 190 -11.95 -5.49 21.47
N LYS A 191 -13.02 -6.24 21.21
CA LYS A 191 -13.84 -6.76 22.31
C LYS A 191 -12.99 -7.61 23.26
N GLU A 192 -12.01 -8.34 22.71
CA GLU A 192 -11.13 -9.18 23.51
C GLU A 192 -10.30 -8.37 24.49
N LYS A 193 -10.02 -7.11 24.13
CA LYS A 193 -9.21 -6.25 24.99
C LYS A 193 -10.05 -5.38 25.93
N ALA A 194 -11.37 -5.40 25.78
CA ALA A 194 -12.23 -4.56 26.60
C ALA A 194 -12.61 -5.03 27.99
N ASP A 195 -12.99 -4.06 28.82
CA ASP A 195 -13.48 -4.31 30.17
C ASP A 195 -14.98 -4.47 30.05
N ILE A 196 -15.57 -3.64 29.19
CA ILE A 196 -17.01 -3.62 28.98
C ILE A 196 -17.33 -3.63 27.49
N CYS A 197 -18.25 -4.51 27.08
CA CYS A 197 -18.65 -4.58 25.69
C CYS A 197 -20.12 -4.15 25.60
N ILE A 198 -20.39 -3.12 24.81
CA ILE A 198 -21.76 -2.65 24.64
C ILE A 198 -22.18 -3.05 23.25
N GLU A 199 -23.31 -3.73 23.14
CA GLU A 199 -23.77 -4.19 21.83
C GLU A 199 -25.00 -3.51 21.28
N LYS A 200 -25.57 -2.60 22.05
CA LYS A 200 -26.73 -1.86 21.62
C LYS A 200 -26.22 -0.51 21.10
N ARG A 201 -26.61 -0.12 19.90
CA ARG A 201 -26.10 1.13 19.34
C ARG A 201 -26.80 2.40 19.86
N ASP A 202 -26.43 2.79 21.06
CA ASP A 202 -26.95 3.97 21.69
C ASP A 202 -25.83 4.33 22.67
N LEU A 203 -25.14 5.46 22.46
CA LEU A 203 -24.03 5.82 23.36
C LEU A 203 -24.45 6.02 24.81
N ARG A 204 -25.73 6.31 25.03
CA ARG A 204 -26.20 6.50 26.39
C ARG A 204 -26.00 5.24 27.24
N GLU A 205 -25.82 4.09 26.58
CA GLU A 205 -25.62 2.83 27.28
C GLU A 205 -24.29 2.80 28.05
N ILE A 206 -23.35 3.68 27.72
CA ILE A 206 -22.08 3.65 28.45
C ILE A 206 -22.20 4.34 29.80
N LEU A 207 -23.14 5.27 29.91
CA LEU A 207 -23.25 6.07 31.13
C LEU A 207 -23.40 5.29 32.45
N LYS A 208 -24.08 4.15 32.43
CA LYS A 208 -24.24 3.42 33.67
C LYS A 208 -22.90 2.96 34.28
N TYR A 209 -21.87 2.90 33.44
CA TYR A 209 -20.55 2.45 33.86
C TYR A 209 -19.59 3.57 34.22
N ILE A 210 -20.05 4.80 34.06
CA ILE A 210 -19.20 5.97 34.29
C ILE A 210 -19.34 6.65 35.64
N LYS A 211 -18.23 6.68 36.37
CA LYS A 211 -18.16 7.30 37.68
C LYS A 211 -18.33 8.81 37.55
N GLU B 2 -2.48 -8.05 10.95
CA GLU B 2 -1.57 -6.87 11.17
C GLU B 2 -0.11 -7.29 10.94
N LYS B 3 0.76 -6.29 10.85
CA LYS B 3 2.20 -6.41 10.57
C LYS B 3 2.23 -5.85 9.15
N LYS B 4 3.19 -4.99 8.88
CA LYS B 4 3.24 -4.37 7.58
C LYS B 4 3.55 -5.27 6.39
N LYS B 5 2.98 -4.88 5.26
CA LYS B 5 3.24 -5.59 4.03
C LYS B 5 4.53 -5.03 3.48
N LYS B 6 5.19 -5.84 2.65
CA LYS B 6 6.40 -5.38 1.97
C LYS B 6 6.05 -5.48 0.49
N LEU B 7 6.79 -4.77 -0.34
CA LEU B 7 6.57 -4.81 -1.77
C LEU B 7 7.86 -5.35 -2.38
N ILE B 8 7.77 -6.40 -3.18
CA ILE B 8 8.96 -6.98 -3.80
C ILE B 8 8.79 -6.90 -5.31
N LEU B 9 9.78 -6.30 -5.99
CA LEU B 9 9.75 -6.15 -7.46
C LEU B 9 10.81 -7.02 -8.08
N PHE B 10 10.43 -7.78 -9.10
CA PHE B 10 11.38 -8.63 -9.80
C PHE B 10 11.54 -8.20 -11.23
N ASP B 11 12.78 -8.24 -11.70
CA ASP B 11 13.05 -8.00 -13.10
C ASP B 11 12.59 -9.34 -13.75
N PHE B 12 12.31 -9.34 -15.06
CA PHE B 12 11.83 -10.56 -15.73
C PHE B 12 12.95 -11.39 -16.37
N ASP B 13 13.49 -10.90 -17.48
CA ASP B 13 14.54 -11.64 -18.19
C ASP B 13 15.78 -11.94 -17.34
N SER B 14 16.20 -13.20 -17.37
CA SER B 14 17.34 -13.66 -16.59
C SER B 14 17.15 -13.62 -15.09
N THR B 15 15.99 -13.18 -14.60
CA THR B 15 15.74 -13.16 -13.16
C THR B 15 14.55 -14.08 -12.86
N LEU B 16 13.32 -13.66 -13.20
CA LEU B 16 12.17 -14.53 -12.96
C LEU B 16 12.21 -15.76 -13.91
N VAL B 17 12.80 -15.58 -15.08
CA VAL B 17 12.94 -16.68 -16.04
C VAL B 17 14.40 -16.78 -16.40
N ASN B 18 14.78 -17.94 -16.94
CA ASN B 18 16.17 -18.19 -17.28
C ASN B 18 16.68 -17.48 -18.53
N ASN B 19 15.78 -17.13 -19.42
CA ASN B 19 16.15 -16.56 -20.69
C ASN B 19 16.04 -15.05 -20.86
N GLU B 20 16.47 -14.58 -22.03
CA GLU B 20 16.36 -13.18 -22.46
C GLU B 20 15.31 -13.25 -23.58
N THR B 21 14.12 -12.72 -23.31
CA THR B 21 13.03 -12.78 -24.30
C THR B 21 13.43 -12.28 -25.67
N ILE B 22 14.07 -11.12 -25.70
CA ILE B 22 14.42 -10.56 -27.00
C ILE B 22 15.44 -11.40 -27.74
N ASP B 23 16.35 -12.03 -27.01
CA ASP B 23 17.35 -12.90 -27.66
C ASP B 23 16.71 -14.14 -28.25
N GLU B 24 15.68 -14.67 -27.58
CA GLU B 24 14.99 -15.86 -28.07
C GLU B 24 14.26 -15.51 -29.37
N ILE B 25 13.58 -14.37 -29.40
CA ILE B 25 12.85 -13.98 -30.61
C ILE B 25 13.82 -13.71 -31.75
N ALA B 26 14.97 -13.11 -31.42
CA ALA B 26 15.99 -12.82 -32.43
C ALA B 26 16.42 -14.08 -33.17
N ARG B 27 16.45 -15.22 -32.48
CA ARG B 27 16.83 -16.48 -33.11
C ARG B 27 15.87 -16.79 -34.28
N GLU B 28 14.57 -16.63 -34.05
CA GLU B 28 13.58 -16.90 -35.11
C GLU B 28 13.75 -15.90 -36.26
N ALA B 29 14.21 -14.70 -35.96
CA ALA B 29 14.40 -13.67 -36.98
C ALA B 29 15.75 -13.75 -37.69
N GLY B 30 16.56 -14.75 -37.32
CA GLY B 30 17.85 -14.91 -37.96
C GLY B 30 18.90 -13.88 -37.57
N VAL B 31 18.72 -13.21 -36.44
CA VAL B 31 19.69 -12.22 -36.00
C VAL B 31 20.09 -12.47 -34.55
N GLU B 32 20.15 -13.74 -34.15
CA GLU B 32 20.49 -14.08 -32.76
C GLU B 32 21.84 -13.50 -32.34
N GLU B 33 22.86 -13.73 -33.16
CA GLU B 33 24.20 -13.27 -32.80
C GLU B 33 24.28 -11.76 -32.57
N GLU B 34 23.76 -10.98 -33.50
CA GLU B 34 23.83 -9.54 -33.38
C GLU B 34 23.01 -9.01 -32.17
N VAL B 35 21.80 -9.53 -31.99
CA VAL B 35 20.95 -9.09 -30.89
C VAL B 35 21.52 -9.46 -29.51
N LYS B 36 22.08 -10.66 -29.42
CA LYS B 36 22.64 -11.12 -28.15
C LYS B 36 23.74 -10.17 -27.71
N LYS B 37 24.57 -9.77 -28.67
CA LYS B 37 25.68 -8.84 -28.42
C LYS B 37 25.17 -7.51 -27.86
N ILE B 38 24.12 -6.98 -28.47
CA ILE B 38 23.54 -5.72 -28.01
C ILE B 38 22.90 -5.88 -26.63
N THR B 39 22.17 -6.99 -26.42
CA THR B 39 21.55 -7.26 -25.13
C THR B 39 22.61 -7.32 -23.99
N LYS B 40 23.71 -8.00 -24.26
CA LYS B 40 24.78 -8.10 -23.25
C LYS B 40 25.37 -6.72 -22.93
N GLU B 41 25.64 -5.92 -23.96
CA GLU B 41 26.13 -4.57 -23.72
C GLU B 41 25.13 -3.73 -22.94
N ALA B 42 23.84 -3.88 -23.28
CA ALA B 42 22.81 -3.09 -22.59
C ALA B 42 22.71 -3.51 -21.13
N MSE B 43 22.78 -4.80 -20.85
CA MSE B 43 22.67 -5.28 -19.48
C MSE B 43 23.92 -4.91 -18.67
O MSE B 43 23.83 -4.70 -17.46
CB MSE B 43 22.37 -6.78 -19.46
CG MSE B 43 20.96 -7.07 -20.01
SE MSE B 43 19.53 -6.10 -19.00
CE MSE B 43 19.24 -4.55 -20.15
N GLU B 44 25.05 -4.78 -19.35
CA GLU B 44 26.31 -4.38 -18.71
C GLU B 44 26.38 -2.87 -18.51
N GLY B 45 25.39 -2.15 -19.04
CA GLY B 45 25.36 -0.72 -18.88
C GLY B 45 26.24 0.03 -19.87
N LYS B 46 26.66 -0.63 -20.94
CA LYS B 46 27.51 0.05 -21.93
C LYS B 46 26.71 0.84 -22.98
N LEU B 47 25.39 0.75 -22.94
CA LEU B 47 24.53 1.47 -23.90
C LEU B 47 23.28 1.99 -23.20
N ASN B 48 22.64 2.99 -23.82
CA ASN B 48 21.39 3.56 -23.33
C ASN B 48 20.36 2.44 -23.57
N PHE B 49 19.56 2.14 -22.56
CA PHE B 49 18.59 1.06 -22.70
C PHE B 49 17.59 1.24 -23.84
N GLU B 50 16.90 2.38 -23.88
CA GLU B 50 15.90 2.56 -24.92
C GLU B 50 16.50 2.52 -26.31
N GLN B 51 17.65 3.15 -26.49
CA GLN B 51 18.27 3.10 -27.82
C GLN B 51 18.64 1.66 -28.17
N SER B 52 19.18 0.93 -27.19
CA SER B 52 19.56 -0.46 -27.47
C SER B 52 18.34 -1.36 -27.76
N LEU B 53 17.22 -1.10 -27.12
CA LEU B 53 16.04 -1.92 -27.35
C LEU B 53 15.41 -1.65 -28.70
N ARG B 54 15.26 -0.36 -29.05
CA ARG B 54 14.69 -0.04 -30.35
C ARG B 54 15.60 -0.60 -31.47
N LYS B 55 16.90 -0.61 -31.22
CA LYS B 55 17.84 -1.12 -32.23
C LYS B 55 17.63 -2.62 -32.40
N ARG B 56 17.47 -3.34 -31.31
CA ARG B 56 17.28 -4.78 -31.41
C ARG B 56 15.91 -5.11 -31.99
N VAL B 57 14.87 -4.43 -31.53
CA VAL B 57 13.53 -4.75 -32.02
C VAL B 57 13.38 -4.46 -33.51
N SER B 58 14.03 -3.40 -33.98
CA SER B 58 13.94 -3.07 -35.40
C SER B 58 14.47 -4.24 -36.24
N LEU B 59 15.43 -5.00 -35.72
CA LEU B 59 15.97 -6.16 -36.46
C LEU B 59 14.97 -7.33 -36.54
N LEU B 60 13.86 -7.22 -35.80
CA LEU B 60 12.84 -8.25 -35.78
C LEU B 60 11.71 -7.95 -36.77
N LYS B 61 11.85 -6.88 -37.54
CA LYS B 61 10.82 -6.52 -38.48
C LYS B 61 10.39 -7.67 -39.40
N ASP B 62 9.07 -7.76 -39.62
CA ASP B 62 8.40 -8.75 -40.46
C ASP B 62 8.34 -10.17 -39.91
N LEU B 63 8.82 -10.40 -38.69
CA LEU B 63 8.75 -11.75 -38.12
C LEU B 63 7.28 -12.09 -37.85
N PRO B 64 6.79 -13.21 -38.38
CA PRO B 64 5.38 -13.56 -38.13
C PRO B 64 5.11 -13.80 -36.65
N ILE B 65 3.90 -13.49 -36.21
CA ILE B 65 3.56 -13.70 -34.81
C ILE B 65 3.71 -15.17 -34.37
N GLU B 66 3.52 -16.12 -35.30
CA GLU B 66 3.66 -17.52 -34.89
C GLU B 66 5.11 -17.83 -34.47
N LYS B 67 6.07 -17.14 -35.09
CA LYS B 67 7.46 -17.39 -34.78
C LYS B 67 7.78 -16.70 -33.46
N VAL B 68 7.10 -15.59 -33.18
CA VAL B 68 7.33 -14.95 -31.88
C VAL B 68 6.83 -15.90 -30.79
N GLU B 69 5.68 -16.54 -31.03
CA GLU B 69 5.13 -17.45 -30.04
C GLU B 69 6.05 -18.64 -29.80
N LYS B 70 6.64 -19.14 -30.88
CA LYS B 70 7.56 -20.29 -30.78
C LYS B 70 8.74 -19.92 -29.86
N ALA B 71 9.25 -18.70 -30.01
CA ALA B 71 10.37 -18.22 -29.20
C ALA B 71 9.95 -18.10 -27.73
N ILE B 72 8.79 -17.51 -27.48
CA ILE B 72 8.27 -17.33 -26.13
C ILE B 72 8.09 -18.66 -25.43
N LYS B 73 7.68 -19.68 -26.20
CA LYS B 73 7.46 -21.01 -25.64
C LYS B 73 8.67 -21.60 -24.95
N ARG B 74 9.86 -21.23 -25.42
CA ARG B 74 11.11 -21.73 -24.84
C ARG B 74 11.49 -21.10 -23.52
N ILE B 75 10.78 -20.04 -23.15
CA ILE B 75 11.06 -19.34 -21.91
C ILE B 75 10.64 -20.22 -20.73
N THR B 76 11.55 -20.36 -19.76
CA THR B 76 11.27 -21.17 -18.59
C THR B 76 11.54 -20.43 -17.31
N PRO B 77 10.69 -20.66 -16.28
CA PRO B 77 10.82 -20.03 -14.97
C PRO B 77 12.13 -20.47 -14.33
N THR B 78 12.74 -19.54 -13.62
CA THR B 78 13.99 -19.82 -12.95
C THR B 78 13.68 -20.77 -11.80
N GLU B 79 14.62 -21.65 -11.51
CA GLU B 79 14.46 -22.58 -10.38
C GLU B 79 13.98 -21.82 -9.14
N GLY B 80 12.98 -22.39 -8.45
CA GLY B 80 12.50 -21.77 -7.23
C GLY B 80 11.50 -20.62 -7.35
N ALA B 81 11.22 -20.18 -8.57
CA ALA B 81 10.33 -19.03 -8.76
C ALA B 81 8.95 -19.12 -8.10
N GLU B 82 8.17 -20.16 -8.40
CA GLU B 82 6.83 -20.18 -7.81
C GLU B 82 6.84 -20.35 -6.32
N GLU B 83 7.71 -21.23 -5.81
CA GLU B 83 7.78 -21.45 -4.37
C GLU B 83 8.15 -20.14 -3.66
N THR B 84 9.04 -19.37 -4.28
CA THR B 84 9.47 -18.10 -3.68
C THR B 84 8.31 -17.10 -3.65
N ILE B 85 7.61 -16.95 -4.76
CA ILE B 85 6.49 -16.01 -4.82
C ILE B 85 5.41 -16.42 -3.82
N LYS B 86 5.11 -17.72 -3.76
CA LYS B 86 4.07 -18.18 -2.82
C LYS B 86 4.46 -17.88 -1.38
N GLU B 87 5.74 -18.04 -1.03
CA GLU B 87 6.18 -17.75 0.33
C GLU B 87 6.08 -16.23 0.60
N LEU B 88 6.51 -15.40 -0.34
CA LEU B 88 6.39 -13.95 -0.15
C LEU B 88 4.91 -13.56 0.07
N LYS B 89 4.00 -14.13 -0.70
CA LYS B 89 2.59 -13.83 -0.56
C LYS B 89 2.05 -14.39 0.76
N ASN B 90 2.65 -15.50 1.18
CA ASN B 90 2.25 -16.15 2.42
C ASN B 90 2.50 -15.20 3.57
N ARG B 91 3.53 -14.38 3.42
CA ARG B 91 3.86 -13.41 4.44
C ARG B 91 2.98 -12.17 4.32
N GLY B 92 2.13 -12.16 3.30
CA GLY B 92 1.24 -11.03 3.09
C GLY B 92 1.78 -9.96 2.17
N TYR B 93 2.99 -10.17 1.64
CA TYR B 93 3.66 -9.21 0.77
C TYR B 93 3.05 -9.10 -0.65
N VAL B 94 3.29 -7.95 -1.28
CA VAL B 94 2.81 -7.67 -2.63
C VAL B 94 3.97 -7.96 -3.57
N VAL B 95 3.70 -8.65 -4.67
CA VAL B 95 4.79 -9.01 -5.58
C VAL B 95 4.53 -8.51 -6.98
N ALA B 96 5.56 -7.96 -7.60
CA ALA B 96 5.43 -7.39 -8.94
C ALA B 96 6.55 -7.75 -9.85
N VAL B 97 6.26 -7.76 -11.15
CA VAL B 97 7.31 -7.97 -12.14
C VAL B 97 7.37 -6.68 -12.96
N VAL B 98 8.57 -6.12 -13.11
CA VAL B 98 8.75 -4.87 -13.86
C VAL B 98 9.84 -5.21 -14.86
N SER B 99 9.53 -5.10 -16.15
CA SER B 99 10.44 -5.52 -17.20
C SER B 99 10.54 -4.62 -18.43
N GLY B 100 11.76 -4.50 -18.97
CA GLY B 100 11.99 -3.75 -20.19
C GLY B 100 11.69 -4.66 -21.37
N GLY B 101 11.21 -5.86 -21.03
CA GLY B 101 10.82 -6.87 -22.01
C GLY B 101 9.41 -6.61 -22.55
N PHE B 102 8.68 -7.67 -22.90
CA PHE B 102 7.37 -7.52 -23.56
C PHE B 102 6.18 -8.20 -22.93
N ASP B 103 5.03 -7.52 -23.00
CA ASP B 103 3.80 -8.07 -22.43
C ASP B 103 3.48 -9.47 -22.91
N ILE B 104 3.76 -9.75 -24.19
CA ILE B 104 3.44 -11.05 -24.77
C ILE B 104 4.14 -12.21 -24.04
N ALA B 105 5.21 -11.90 -23.33
CA ALA B 105 5.91 -12.93 -22.55
C ALA B 105 5.61 -12.74 -21.04
N VAL B 106 5.62 -11.50 -20.58
CA VAL B 106 5.38 -11.21 -19.18
C VAL B 106 3.95 -11.56 -18.75
N ASN B 107 2.98 -11.37 -19.64
CA ASN B 107 1.56 -11.69 -19.35
C ASN B 107 1.36 -13.10 -18.80
N LYS B 108 1.93 -14.10 -19.48
CA LYS B 108 1.79 -15.48 -19.06
C LYS B 108 2.32 -15.69 -17.65
N ILE B 109 3.53 -15.19 -17.41
CA ILE B 109 4.16 -15.42 -16.12
C ILE B 109 3.44 -14.73 -14.97
N LYS B 110 2.88 -13.55 -15.22
CA LYS B 110 2.11 -12.84 -14.19
C LYS B 110 0.98 -13.73 -13.69
N GLU B 111 0.31 -14.40 -14.63
CA GLU B 111 -0.79 -15.28 -14.25
C GLU B 111 -0.27 -16.59 -13.70
N LYS B 112 0.74 -17.14 -14.34
CA LYS B 112 1.25 -18.43 -13.94
C LYS B 112 1.77 -18.44 -12.51
N LEU B 113 2.53 -17.40 -12.17
CA LEU B 113 3.15 -17.27 -10.84
C LEU B 113 2.33 -16.49 -9.84
N GLY B 114 1.21 -15.96 -10.28
CA GLY B 114 0.34 -15.24 -9.36
C GLY B 114 0.79 -13.87 -8.87
N LEU B 115 1.42 -13.12 -9.76
CA LEU B 115 1.91 -11.78 -9.44
C LEU B 115 0.76 -10.77 -9.33
N ASP B 116 0.97 -9.77 -8.47
CA ASP B 116 0.01 -8.71 -8.22
C ASP B 116 0.05 -7.61 -9.25
N TYR B 117 1.24 -7.37 -9.79
CA TYR B 117 1.45 -6.32 -10.80
C TYR B 117 2.42 -6.80 -11.86
N ALA B 118 2.23 -6.32 -13.09
CA ALA B 118 3.15 -6.64 -14.18
C ALA B 118 3.23 -5.40 -15.07
N PHE B 119 4.46 -4.96 -15.35
CA PHE B 119 4.69 -3.80 -16.18
C PHE B 119 5.75 -4.20 -17.20
N ALA B 120 5.50 -3.95 -18.49
CA ALA B 120 6.47 -4.26 -19.56
C ALA B 120 6.14 -3.41 -20.77
N ASN B 121 6.98 -3.52 -21.81
CA ASN B 121 6.78 -2.77 -23.03
C ASN B 121 6.01 -3.66 -23.97
N ARG B 122 5.78 -3.22 -25.21
CA ARG B 122 5.06 -4.07 -26.13
C ARG B 122 5.58 -4.00 -27.54
N LEU B 123 5.54 -5.14 -28.19
CA LEU B 123 5.96 -5.27 -29.59
C LEU B 123 4.76 -4.83 -30.47
N ILE B 124 4.98 -3.91 -31.40
CA ILE B 124 3.89 -3.46 -32.29
C ILE B 124 3.72 -4.48 -33.40
N VAL B 125 2.46 -4.81 -33.72
CA VAL B 125 2.16 -5.84 -34.72
C VAL B 125 1.22 -5.30 -35.79
N LYS B 126 1.39 -5.75 -37.03
CA LYS B 126 0.53 -5.33 -38.15
C LYS B 126 0.48 -6.46 -39.16
N ASP B 127 -0.72 -6.80 -39.63
CA ASP B 127 -0.91 -7.89 -40.60
C ASP B 127 -0.27 -9.22 -40.13
N GLY B 128 -0.34 -9.50 -38.83
CA GLY B 128 0.19 -10.73 -38.26
C GLY B 128 1.71 -10.81 -38.16
N LYS B 129 2.41 -9.69 -38.31
CA LYS B 129 3.87 -9.70 -38.22
C LYS B 129 4.38 -8.51 -37.41
N LEU B 130 5.56 -8.65 -36.81
CA LEU B 130 6.12 -7.53 -36.06
C LEU B 130 6.48 -6.42 -37.01
N THR B 131 6.21 -5.17 -36.62
CA THR B 131 6.54 -4.04 -37.48
C THR B 131 7.97 -3.59 -37.28
N GLY B 132 8.57 -3.99 -36.15
CA GLY B 132 9.92 -3.57 -35.82
C GLY B 132 9.93 -2.43 -34.80
N ASP B 133 8.75 -2.05 -34.32
CA ASP B 133 8.67 -0.99 -33.32
C ASP B 133 8.33 -1.58 -31.95
N VAL B 134 8.73 -0.86 -30.90
CA VAL B 134 8.41 -1.20 -29.52
C VAL B 134 7.94 0.11 -28.88
N GLU B 135 6.97 0.03 -27.97
CA GLU B 135 6.48 1.22 -27.27
C GLU B 135 6.19 0.79 -25.84
N GLY B 136 6.18 1.73 -24.89
CA GLY B 136 5.90 1.34 -23.52
C GLY B 136 6.45 2.30 -22.48
N GLU B 137 6.21 2.00 -21.21
CA GLU B 137 6.68 2.85 -20.11
C GLU B 137 7.81 2.25 -19.27
N VAL B 138 8.57 1.31 -19.84
CA VAL B 138 9.71 0.71 -19.16
C VAL B 138 10.90 0.82 -20.10
N LEU B 139 11.11 2.03 -20.59
CA LEU B 139 12.16 2.35 -21.55
C LEU B 139 13.21 3.35 -21.06
N LYS B 140 12.74 4.44 -20.46
CA LYS B 140 13.62 5.49 -19.95
C LYS B 140 14.55 4.97 -18.85
N GLU B 141 15.67 5.67 -18.68
CA GLU B 141 16.65 5.26 -17.68
C GLU B 141 16.07 5.12 -16.27
N ASN B 142 15.17 5.99 -15.85
CA ASN B 142 14.66 5.86 -14.49
C ASN B 142 13.28 5.22 -14.51
N ALA B 143 12.93 4.52 -15.58
CA ALA B 143 11.59 3.93 -15.65
C ALA B 143 11.21 2.95 -14.53
N LYS B 144 12.06 1.99 -14.22
CA LYS B 144 11.71 1.03 -13.19
C LYS B 144 11.60 1.69 -11.81
N GLY B 145 12.44 2.68 -11.53
CA GLY B 145 12.36 3.38 -10.26
C GLY B 145 11.04 4.09 -10.13
N GLU B 146 10.59 4.69 -11.24
CA GLU B 146 9.32 5.42 -11.27
C GLU B 146 8.15 4.48 -10.97
N ILE B 147 8.19 3.29 -11.57
CA ILE B 147 7.15 2.29 -11.39
C ILE B 147 7.18 1.78 -9.95
N LEU B 148 8.39 1.58 -9.38
CA LEU B 148 8.48 1.11 -8.00
C LEU B 148 7.78 2.16 -7.10
N GLU B 149 8.09 3.44 -7.31
CA GLU B 149 7.46 4.44 -6.47
C GLU B 149 5.95 4.46 -6.63
N LYS B 150 5.46 4.29 -7.86
CA LYS B 150 4.03 4.32 -8.13
C LYS B 150 3.29 3.16 -7.44
N ILE B 151 3.86 1.95 -7.54
CA ILE B 151 3.20 0.80 -6.93
C ILE B 151 3.22 0.99 -5.41
N ALA B 152 4.35 1.41 -4.84
CA ALA B 152 4.42 1.61 -3.39
C ALA B 152 3.35 2.60 -2.91
N LYS B 153 3.18 3.68 -3.67
CA LYS B 153 2.19 4.71 -3.35
C LYS B 153 0.77 4.12 -3.37
N ILE B 154 0.47 3.31 -4.38
CA ILE B 154 -0.84 2.67 -4.50
C ILE B 154 -1.12 1.78 -3.28
N GLU B 155 -0.11 1.01 -2.89
CA GLU B 155 -0.26 0.08 -1.78
C GLU B 155 -0.08 0.68 -0.40
N GLY B 156 0.34 1.94 -0.33
CA GLY B 156 0.53 2.60 0.96
C GLY B 156 1.76 2.05 1.66
N ILE B 157 2.69 1.52 0.87
CA ILE B 157 3.88 0.92 1.46
C ILE B 157 5.06 1.89 1.36
N ASN B 158 5.73 2.13 2.51
CA ASN B 158 6.87 3.04 2.55
C ASN B 158 8.02 2.46 1.74
N LEU B 159 8.82 3.30 1.06
CA LEU B 159 9.92 2.77 0.25
C LEU B 159 10.90 1.92 1.06
N GLU B 160 11.03 2.20 2.35
CA GLU B 160 11.96 1.41 3.14
C GLU B 160 11.51 -0.06 3.18
N ASP B 161 10.23 -0.29 2.85
CA ASP B 161 9.68 -1.63 2.89
C ASP B 161 9.54 -2.29 1.52
N THR B 162 10.41 -1.90 0.60
CA THR B 162 10.41 -2.45 -0.74
C THR B 162 11.70 -3.24 -0.96
N VAL B 163 11.64 -4.20 -1.87
CA VAL B 163 12.80 -5.03 -2.20
C VAL B 163 12.83 -5.09 -3.71
N ALA B 164 14.01 -4.87 -4.30
CA ALA B 164 14.18 -4.97 -5.75
C ALA B 164 15.15 -6.14 -6.02
N VAL B 165 14.76 -7.02 -6.93
CA VAL B 165 15.58 -8.20 -7.32
C VAL B 165 15.83 -8.10 -8.83
N GLY B 166 17.09 -8.01 -9.25
CA GLY B 166 17.33 -7.87 -10.67
C GLY B 166 18.71 -8.31 -11.05
N ASP B 167 19.04 -8.20 -12.35
CA ASP B 167 20.35 -8.67 -12.80
C ASP B 167 21.09 -7.76 -13.76
N GLY B 168 20.40 -6.75 -14.30
CA GLY B 168 21.04 -5.89 -15.28
C GLY B 168 21.09 -4.40 -14.98
N ALA B 169 21.75 -3.65 -15.87
CA ALA B 169 21.88 -2.21 -15.68
C ALA B 169 20.56 -1.44 -15.66
N ASN B 170 19.53 -1.91 -16.37
CA ASN B 170 18.27 -1.18 -16.35
C ASN B 170 17.52 -1.41 -15.01
N ASP B 171 18.14 -2.15 -14.10
CA ASP B 171 17.58 -2.39 -12.76
C ASP B 171 18.13 -1.39 -11.76
N ILE B 172 19.13 -0.61 -12.19
CA ILE B 172 19.73 0.39 -11.31
C ILE B 172 18.73 1.42 -10.79
N SER B 173 17.85 1.95 -11.64
CA SER B 173 16.90 2.95 -11.16
C SER B 173 15.95 2.36 -10.10
N MSE B 174 15.69 1.06 -10.21
CA MSE B 174 14.83 0.38 -9.23
C MSE B 174 15.62 0.26 -7.90
O MSE B 174 15.11 0.53 -6.82
CB MSE B 174 14.44 -0.98 -9.83
CG MSE B 174 13.55 -1.80 -9.02
SE MSE B 174 12.88 -3.24 -10.08
CE MSE B 174 14.30 -4.52 -10.12
N PHE B 175 16.89 -0.11 -8.00
CA PHE B 175 17.74 -0.23 -6.81
C PHE B 175 17.77 1.12 -6.05
N LYS B 176 17.83 2.23 -6.79
CA LYS B 176 17.89 3.56 -6.20
C LYS B 176 16.80 3.88 -5.18
N LYS B 177 15.59 3.40 -5.45
CA LYS B 177 14.45 3.69 -4.58
C LYS B 177 14.14 2.61 -3.58
N ALA B 178 14.66 1.40 -3.82
CA ALA B 178 14.38 0.24 -2.99
C ALA B 178 14.99 0.22 -1.59
N GLY B 179 14.26 -0.40 -0.67
CA GLY B 179 14.71 -0.57 0.70
C GLY B 179 15.81 -1.63 0.79
N LEU B 180 15.72 -2.66 -0.02
CA LEU B 180 16.72 -3.74 -0.03
C LEU B 180 17.01 -4.01 -1.49
N LYS B 181 18.30 -4.07 -1.83
CA LYS B 181 18.71 -4.26 -3.21
C LYS B 181 19.36 -5.63 -3.41
N ILE B 182 18.70 -6.49 -4.17
CA ILE B 182 19.25 -7.82 -4.40
C ILE B 182 19.65 -8.05 -5.88
N ALA B 183 20.94 -8.30 -6.12
CA ALA B 183 21.41 -8.62 -7.46
C ALA B 183 21.43 -10.15 -7.53
N PHE B 184 20.67 -10.68 -8.47
CA PHE B 184 20.54 -12.13 -8.67
C PHE B 184 21.35 -12.57 -9.91
N CYS B 185 22.42 -13.34 -9.65
CA CYS B 185 23.35 -13.85 -10.69
C CYS B 185 23.49 -12.74 -11.71
N ALA B 186 23.80 -11.56 -11.20
CA ALA B 186 23.84 -10.30 -11.95
C ALA B 186 25.12 -9.83 -12.59
N LYS B 187 24.96 -8.84 -13.47
CA LYS B 187 26.09 -8.21 -14.15
C LYS B 187 26.87 -7.39 -13.12
N PRO B 188 28.18 -7.23 -13.33
CA PRO B 188 29.01 -6.46 -12.40
C PRO B 188 28.48 -5.08 -12.04
N ILE B 189 27.98 -4.34 -13.04
CA ILE B 189 27.49 -2.99 -12.78
C ILE B 189 26.38 -2.94 -11.75
N LEU B 190 25.55 -3.98 -11.72
CA LEU B 190 24.48 -3.97 -10.75
C LEU B 190 25.00 -4.55 -9.44
N LYS B 191 25.89 -5.54 -9.48
CA LYS B 191 26.41 -6.08 -8.21
C LYS B 191 27.09 -4.99 -7.38
N GLU B 192 27.76 -4.06 -8.06
CA GLU B 192 28.48 -2.95 -7.42
C GLU B 192 27.53 -2.09 -6.58
N LYS B 193 26.28 -2.05 -7.03
CA LYS B 193 25.29 -1.24 -6.33
C LYS B 193 24.36 -2.00 -5.36
N ALA B 194 24.42 -3.32 -5.39
CA ALA B 194 23.56 -4.18 -4.58
C ALA B 194 23.89 -4.32 -3.11
N ASP B 195 22.86 -4.58 -2.31
CA ASP B 195 23.10 -4.82 -0.90
C ASP B 195 23.59 -6.26 -0.80
N ILE B 196 22.89 -7.15 -1.50
CA ILE B 196 23.15 -8.59 -1.48
C ILE B 196 23.37 -9.12 -2.88
N CYS B 197 24.36 -10.02 -3.04
CA CYS B 197 24.60 -10.64 -4.34
C CYS B 197 24.42 -12.14 -4.19
N ILE B 198 23.47 -12.69 -4.94
CA ILE B 198 23.23 -14.11 -4.94
C ILE B 198 23.86 -14.66 -6.23
N GLU B 199 24.63 -15.75 -6.13
CA GLU B 199 25.23 -16.32 -7.33
C GLU B 199 24.74 -17.74 -7.62
N LYS B 200 23.94 -18.30 -6.71
CA LYS B 200 23.36 -19.63 -6.89
C LYS B 200 22.04 -19.36 -7.61
N ARG B 201 21.82 -20.02 -8.73
CA ARG B 201 20.60 -19.78 -9.49
C ARG B 201 19.33 -20.50 -8.98
N ASP B 202 18.82 -19.96 -7.88
CA ASP B 202 17.62 -20.49 -7.22
C ASP B 202 17.03 -19.27 -6.54
N LEU B 203 15.85 -18.87 -6.99
CA LEU B 203 15.22 -17.67 -6.42
C LEU B 203 14.89 -17.80 -4.93
N ARG B 204 14.81 -19.01 -4.40
CA ARG B 204 14.52 -19.18 -2.96
C ARG B 204 15.65 -18.63 -2.09
N GLU B 205 16.81 -18.43 -2.72
CA GLU B 205 17.96 -17.85 -2.02
C GLU B 205 17.65 -16.44 -1.52
N ILE B 206 16.70 -15.73 -2.12
CA ILE B 206 16.45 -14.37 -1.62
C ILE B 206 15.70 -14.36 -0.29
N LEU B 207 14.96 -15.42 0.00
CA LEU B 207 14.13 -15.49 1.19
C LEU B 207 14.87 -15.27 2.50
N LYS B 208 16.10 -15.75 2.62
CA LYS B 208 16.77 -15.58 3.90
C LYS B 208 17.13 -14.13 4.22
N TYR B 209 17.14 -13.28 3.21
CA TYR B 209 17.49 -11.86 3.41
C TYR B 209 16.27 -10.97 3.71
N ILE B 210 15.08 -11.52 3.62
CA ILE B 210 13.86 -10.73 3.81
C ILE B 210 13.07 -11.22 5.01
N LYS B 211 12.82 -10.34 5.97
CA LYS B 211 12.03 -10.75 7.13
C LYS B 211 10.61 -10.82 6.60
AL ALF C . -11.47 5.74 14.08
F1 ALF C . -10.60 4.20 13.95
F2 ALF C . -12.34 7.27 14.22
F3 ALF C . -9.96 6.56 14.43
F4 ALF C . -13.00 4.91 13.71
MG MG D . -13.98 3.47 14.64
S SO4 E . 3.51 1.14 12.89
O1 SO4 E . 4.95 1.40 12.57
O2 SO4 E . 3.20 1.81 14.17
O3 SO4 E . 2.63 1.68 11.82
O4 SO4 E . 3.29 -0.31 13.02
AL AF3 F . -11.68 5.94 14.09
F1 AF3 F . -10.01 5.89 14.39
F2 AF3 F . -12.50 7.42 14.02
F3 AF3 F . -12.54 4.49 13.84
AL ALF G . 14.59 -7.00 -17.59
F1 ALF G . 15.62 -8.44 -17.45
F2 ALF G . 13.56 -5.56 -17.73
F3 ALF G . 16.03 -5.99 -17.76
F4 ALF G . 13.16 -8.01 -17.43
MG MG H . 17.05 -8.95 -16.47
AL AF3 I . 14.43 -7.22 -17.66
F1 AF3 I . 15.95 -7.92 -17.38
F2 AF3 I . 14.31 -5.54 -17.95
F3 AF3 I . 13.03 -8.18 -17.67
#